data_7O1T
#
_entry.id   7O1T
#
_cell.length_a   63.540
_cell.length_b   82.830
_cell.length_c   70.400
_cell.angle_alpha   90.000
_cell.angle_beta   90.000
_cell.angle_gamma   90.000
#
_symmetry.space_group_name_H-M   'P 21 21 2'
#
loop_
_entity.id
_entity.type
_entity.pdbx_description
1 polymer '[FeFe] hydrogenase maturase subunit HydE'
2 non-polymer CYSTEINE
3 non-polymer 'FE (II) ION'
4 non-polymer 'CARBON MONOXIDE'
5 non-polymer 'CYANIDE ION'
6 non-polymer 'PYRUVIC ACID'
7 non-polymer S-adenosyl-L-cysteine
8 non-polymer 3-[(3-CHOLAMIDOPROPYL)DIMETHYLAMMONIO]-1-PROPANESULFONATE
9 non-polymer 'IRON/SULFUR CLUSTER'
10 non-polymer 'CHLORIDE ION'
11 non-polymer 'IODIDE ION'
12 water water
#
_entity_poly.entity_id   1
_entity_poly.type   'polypeptide(L)'
_entity_poly.pdbx_seq_one_letter_code
;MWSHPQFEKASTGREILEKLERREFTREVLKEALSINDRGFNEALFKLADEIRRKYVGDEVHIRAIIEFSNVCRKNCLYC
GLRRDNKNLKRYRMTPEEIVERARLAVQFGAKTIVLQSGEDPYYMPDVISDIVKEIKKMGVAVTLSLGEWPREYYEKWKE
AGADRYLLRHETANPVLHRKLRPDTSFENRLNCLLTLKELGYETGAGSMVGLPGQTIDDLVDDLLFLKEHDFDMVGIGPF
IPHPDTPLANEKKGDFTLTLKMVALTRILLPDSNIPATTAMGTIVPGGREITLRCGANVIMPNWTPSPYRQLYQLYPGKI
SVFEKDTASIPSVMKMIELLGRKPGRDWGGRKRVFETV
;
_entity_poly.pdbx_strand_id   A
#
# COMPACT_ATOMS: atom_id res chain seq x y z
N MET A 1 39.66 21.19 23.66
CA MET A 1 38.72 20.32 23.03
C MET A 1 39.49 19.06 22.63
N TRP A 2 38.79 17.93 22.58
CA TRP A 2 39.37 16.61 22.39
C TRP A 2 38.64 16.04 21.18
N SER A 3 39.10 14.89 20.71
CA SER A 3 38.51 14.41 19.49
C SER A 3 37.13 13.79 19.68
N HIS A 4 36.47 13.59 18.55
CA HIS A 4 35.11 13.03 18.48
C HIS A 4 35.08 12.11 17.27
N PRO A 5 35.76 10.98 17.35
CA PRO A 5 35.84 10.05 16.21
C PRO A 5 34.55 9.26 16.04
N GLN A 6 34.32 8.82 14.82
CA GLN A 6 33.14 8.01 14.63
C GLN A 6 33.43 6.56 15.01
N PHE A 7 32.36 5.84 15.32
CA PHE A 7 32.53 4.43 15.60
C PHE A 7 32.63 3.80 14.24
N GLU A 8 33.32 2.68 14.16
CA GLU A 8 33.39 2.02 12.87
C GLU A 8 32.01 1.60 12.38
N LYS A 9 31.85 1.65 11.06
CA LYS A 9 30.53 1.49 10.45
C LYS A 9 30.02 0.09 10.67
N ALA A 10 30.88 -0.93 10.49
CA ALA A 10 30.38 -2.29 10.64
C ALA A 10 29.87 -2.52 12.07
N SER A 11 30.61 -2.04 13.07
CA SER A 11 30.18 -2.26 14.46
C SER A 11 28.92 -1.45 14.77
N THR A 12 28.85 -0.20 14.29
CA THR A 12 27.62 0.58 14.41
C THR A 12 26.43 -0.12 13.75
N GLY A 13 26.61 -0.64 12.53
CA GLY A 13 25.54 -1.39 11.87
C GLY A 13 25.07 -2.59 12.65
N ARG A 14 26.01 -3.34 13.23
CA ARG A 14 25.59 -4.48 14.04
C ARG A 14 24.84 -4.03 15.29
N GLU A 15 25.23 -2.91 15.89
CA GLU A 15 24.48 -2.45 17.05
C GLU A 15 23.07 -2.02 16.67
N ILE A 16 22.90 -1.40 15.51
CA ILE A 16 21.55 -1.08 15.06
C ILE A 16 20.71 -2.35 14.88
N LEU A 17 21.29 -3.36 14.22
CA LEU A 17 20.53 -4.61 14.05
C LEU A 17 20.15 -5.22 15.40
N GLU A 18 21.07 -5.21 16.37
CA GLU A 18 20.76 -5.77 17.69
C GLU A 18 19.64 -4.99 18.36
N LYS A 19 19.64 -3.67 18.23
CA LYS A 19 18.57 -2.89 18.84
C LYS A 19 17.24 -3.20 18.18
N LEU A 20 17.24 -3.41 16.86
CA LEU A 20 16.01 -3.78 16.17
C LEU A 20 15.55 -5.16 16.62
N GLU A 21 16.49 -6.09 16.82
CA GLU A 21 16.10 -7.43 17.25
C GLU A 21 15.53 -7.40 18.67
N ARG A 22 16.03 -6.50 19.51
CA ARG A 22 15.53 -6.25 20.85
C ARG A 22 14.34 -5.31 20.87
N ARG A 23 13.88 -4.82 19.71
CA ARG A 23 12.67 -4.00 19.61
C ARG A 23 12.82 -2.68 20.38
N GLU A 24 14.03 -2.12 20.30
CA GLU A 24 14.37 -0.83 20.87
C GLU A 24 14.28 0.19 19.74
N PHE A 25 13.05 0.67 19.53
CA PHE A 25 12.70 1.42 18.33
C PHE A 25 12.81 2.92 18.54
N THR A 26 14.00 3.36 18.91
CA THR A 26 14.14 4.80 19.09
C THR A 26 14.22 5.50 17.72
N ARG A 27 13.92 6.80 17.74
CA ARG A 27 14.00 7.58 16.51
CA ARG A 27 14.01 7.57 16.50
C ARG A 27 15.40 7.50 15.91
N GLU A 28 16.44 7.67 16.74
CA GLU A 28 17.81 7.59 16.25
CA GLU A 28 17.78 7.61 16.17
C GLU A 28 18.10 6.23 15.63
N VAL A 29 17.55 5.16 16.22
CA VAL A 29 17.79 3.83 15.67
C VAL A 29 17.14 3.70 14.29
N LEU A 30 15.89 4.15 14.18
CA LEU A 30 15.21 4.05 12.89
C LEU A 30 15.91 4.92 11.85
N LYS A 31 16.32 6.14 12.24
CA LYS A 31 17.01 7.03 11.31
C LYS A 31 18.31 6.42 10.80
N GLU A 32 19.11 5.86 11.70
CA GLU A 32 20.36 5.28 11.26
C GLU A 32 20.12 4.05 10.37
N ALA A 33 19.11 3.23 10.71
CA ALA A 33 18.81 2.09 9.85
C ALA A 33 18.49 2.54 8.43
N LEU A 34 17.73 3.63 8.30
CA LEU A 34 17.40 4.12 6.97
C LEU A 34 18.60 4.76 6.28
N SER A 35 19.57 5.24 7.04
CA SER A 35 20.66 6.02 6.49
C SER A 35 21.85 5.16 6.05
N ILE A 36 22.05 4.00 6.66
CA ILE A 36 23.18 3.12 6.34
C ILE A 36 23.02 2.62 4.91
N ASN A 37 24.10 2.67 4.13
CA ASN A 37 23.99 2.25 2.73
C ASN A 37 24.82 1.00 2.43
N ASP A 38 24.98 0.16 3.43
CA ASP A 38 25.82 -1.02 3.33
C ASP A 38 24.98 -2.23 2.89
N ARG A 39 25.38 -2.87 1.78
CA ARG A 39 24.66 -4.04 1.25
C ARG A 39 24.45 -5.12 2.32
N GLY A 40 25.45 -5.35 3.17
CA GLY A 40 25.35 -6.39 4.17
C GLY A 40 24.44 -6.01 5.33
N PHE A 41 24.47 -4.73 5.73
CA PHE A 41 23.49 -4.29 6.71
C PHE A 41 22.09 -4.47 6.17
N ASN A 42 21.84 -4.02 4.93
CA ASN A 42 20.50 -4.09 4.38
C ASN A 42 20.02 -5.52 4.28
N GLU A 43 20.89 -6.43 3.84
CA GLU A 43 20.50 -7.83 3.71
C GLU A 43 20.14 -8.42 5.07
N ALA A 44 20.89 -8.07 6.12
CA ALA A 44 20.55 -8.53 7.46
C ALA A 44 19.22 -7.92 7.91
N LEU A 45 18.96 -6.64 7.58
CA LEU A 45 17.66 -6.04 7.89
C LEU A 45 16.52 -6.78 7.19
N PHE A 46 16.70 -7.09 5.91
CA PHE A 46 15.68 -7.83 5.16
C PHE A 46 15.46 -9.20 5.75
N LYS A 47 16.53 -9.87 6.15
CA LYS A 47 16.36 -11.20 6.73
C LYS A 47 15.64 -11.16 8.07
N LEU A 48 15.90 -10.11 8.88
CA LEU A 48 15.16 -9.96 10.13
C LEU A 48 13.67 -9.76 9.87
N ALA A 49 13.31 -8.86 8.94
CA ALA A 49 11.90 -8.67 8.61
C ALA A 49 11.30 -9.96 8.07
N ASP A 50 12.03 -10.66 7.20
CA ASP A 50 11.52 -11.93 6.69
C ASP A 50 11.29 -12.93 7.83
N GLU A 51 12.21 -12.95 8.80
CA GLU A 51 12.03 -13.85 9.94
C GLU A 51 10.76 -13.50 10.71
N ILE A 52 10.55 -12.22 10.99
CA ILE A 52 9.38 -11.81 11.75
C ILE A 52 8.10 -12.14 10.98
N ARG A 53 8.12 -11.89 9.66
CA ARG A 53 7.01 -12.25 8.78
C ARG A 53 6.69 -13.74 8.89
N ARG A 54 7.71 -14.59 8.74
CA ARG A 54 7.49 -16.04 8.86
C ARG A 54 6.84 -16.37 10.20
N LYS A 55 7.33 -15.76 11.29
CA LYS A 55 6.87 -16.16 12.61
C LYS A 55 5.44 -15.68 12.90
N TYR A 56 5.05 -14.48 12.44
CA TYR A 56 3.79 -13.90 12.89
C TYR A 56 2.70 -13.83 11.85
N VAL A 57 3.01 -13.93 10.55
CA VAL A 57 1.96 -14.06 9.55
C VAL A 57 2.13 -15.29 8.66
N GLY A 58 3.20 -16.04 8.80
CA GLY A 58 3.26 -17.33 8.11
C GLY A 58 3.54 -17.24 6.62
N ASP A 59 3.23 -18.34 5.90
CA ASP A 59 3.67 -18.48 4.51
C ASP A 59 2.60 -18.11 3.50
N GLU A 60 1.37 -17.84 3.94
CA GLU A 60 0.31 -17.46 3.01
C GLU A 60 0.57 -16.07 2.42
N VAL A 61 0.47 -15.95 1.10
CA VAL A 61 0.49 -14.65 0.45
C VAL A 61 -0.96 -14.39 0.04
N HIS A 62 -1.58 -13.42 0.68
CA HIS A 62 -2.98 -13.17 0.41
C HIS A 62 -3.16 -12.39 -0.88
N ILE A 63 -4.11 -12.83 -1.69
CA ILE A 63 -4.36 -12.22 -2.99
C ILE A 63 -5.57 -11.30 -2.87
N ARG A 64 -5.39 -10.02 -3.21
CA ARG A 64 -6.48 -9.04 -3.16
C ARG A 64 -6.64 -8.53 -4.58
N ALA A 65 -7.73 -8.90 -5.27
CA ALA A 65 -7.88 -8.48 -6.66
C ALA A 65 -8.44 -7.05 -6.73
N ILE A 66 -7.71 -6.16 -7.42
CA ILE A 66 -8.08 -4.74 -7.49
C ILE A 66 -8.88 -4.48 -8.75
N ILE A 67 -10.03 -3.85 -8.60
CA ILE A 67 -10.78 -3.30 -9.72
C ILE A 67 -10.79 -1.78 -9.56
N GLU A 68 -10.14 -1.10 -10.49
CA GLU A 68 -9.99 0.36 -10.49
C GLU A 68 -11.13 0.86 -11.38
N PHE A 69 -12.26 1.17 -10.76
CA PHE A 69 -13.50 1.22 -11.53
C PHE A 69 -13.81 2.60 -12.08
N SER A 70 -13.07 3.64 -11.67
CA SER A 70 -13.23 4.98 -12.24
C SER A 70 -11.92 5.71 -12.06
N ASN A 71 -11.49 6.44 -13.09
CA ASN A 71 -10.32 7.28 -12.94
C ASN A 71 -10.70 8.76 -12.85
N VAL A 72 -11.97 9.06 -12.55
CA VAL A 72 -12.42 10.43 -12.35
C VAL A 72 -12.05 10.85 -10.93
N CYS A 73 -11.45 12.04 -10.80
CA CYS A 73 -11.11 12.50 -9.46
C CYS A 73 -11.36 13.98 -9.31
N ARG A 74 -11.98 14.35 -8.20
CA ARG A 74 -12.19 15.76 -7.86
C ARG A 74 -10.97 16.44 -7.24
N LYS A 75 -9.97 15.68 -6.80
CA LYS A 75 -8.78 16.26 -6.16
C LYS A 75 -7.65 16.49 -7.18
N ASN A 76 -6.58 17.10 -6.70
CA ASN A 76 -5.53 17.61 -7.60
C ASN A 76 -4.14 17.31 -7.04
N CYS A 77 -3.97 16.14 -6.41
CA CYS A 77 -2.67 15.81 -5.81
C CYS A 77 -1.55 15.98 -6.84
N LEU A 78 -0.45 16.62 -6.41
CA LEU A 78 0.60 17.03 -7.35
C LEU A 78 1.32 15.82 -7.94
N TYR A 79 1.31 14.68 -7.26
CA TYR A 79 2.04 13.51 -7.74
C TYR A 79 1.26 12.62 -8.71
N CYS A 80 -0.06 12.75 -8.77
CA CYS A 80 -0.94 11.71 -9.33
C CYS A 80 -1.39 12.02 -10.75
N GLY A 81 -1.26 11.04 -11.66
CA GLY A 81 -1.74 11.24 -13.02
C GLY A 81 -3.24 11.46 -13.14
N LEU A 82 -4.02 11.07 -12.12
CA LEU A 82 -5.46 11.25 -12.17
C LEU A 82 -5.90 12.62 -11.68
N ARG A 83 -4.97 13.46 -11.22
CA ARG A 83 -5.34 14.78 -10.73
C ARG A 83 -6.23 15.49 -11.73
N ARG A 84 -7.20 16.24 -11.21
CA ARG A 84 -8.20 16.81 -12.09
C ARG A 84 -7.57 17.74 -13.15
N ASP A 85 -6.44 18.37 -12.85
CA ASP A 85 -5.85 19.27 -13.85
C ASP A 85 -5.17 18.58 -15.00
N ASN A 86 -5.02 17.26 -14.97
CA ASN A 86 -4.42 16.53 -16.09
C ASN A 86 -5.49 16.32 -17.16
N LYS A 87 -5.53 17.19 -18.17
CA LYS A 87 -6.52 17.03 -19.23
C LYS A 87 -6.05 16.05 -20.31
N ASN A 88 -4.82 15.52 -20.19
CA ASN A 88 -4.23 14.65 -21.21
C ASN A 88 -4.63 13.18 -21.04
N LEU A 89 -5.65 12.90 -20.24
CA LEU A 89 -6.00 11.54 -19.89
C LEU A 89 -7.47 11.30 -20.22
N LYS A 90 -7.77 10.21 -20.92
CA LYS A 90 -9.16 9.85 -21.15
C LYS A 90 -9.74 9.31 -19.85
N ARG A 91 -10.90 9.82 -19.45
CA ARG A 91 -11.53 9.41 -18.21
C ARG A 91 -12.59 8.37 -18.51
N TYR A 92 -12.84 7.52 -17.52
CA TYR A 92 -13.79 6.44 -17.71
C TYR A 92 -14.51 6.21 -16.39
N ARG A 93 -15.68 5.58 -16.50
CA ARG A 93 -16.44 5.04 -15.38
C ARG A 93 -17.02 3.70 -15.78
N MET A 94 -16.90 2.72 -14.89
CA MET A 94 -17.54 1.42 -15.09
C MET A 94 -18.95 1.40 -14.54
N THR A 95 -19.86 0.68 -15.22
CA THR A 95 -21.20 0.57 -14.63
C THR A 95 -21.15 -0.37 -13.43
N PRO A 96 -22.15 -0.30 -12.54
CA PRO A 96 -22.19 -1.28 -11.44
C PRO A 96 -22.22 -2.72 -11.92
N GLU A 97 -22.96 -3.00 -12.99
CA GLU A 97 -22.99 -4.36 -13.52
C GLU A 97 -21.61 -4.81 -13.97
N GLU A 98 -20.87 -3.94 -14.67
CA GLU A 98 -19.53 -4.29 -15.08
C GLU A 98 -18.67 -4.61 -13.88
N ILE A 99 -18.77 -3.79 -12.83
CA ILE A 99 -17.91 -3.97 -11.65
C ILE A 99 -18.25 -5.28 -10.95
N VAL A 100 -19.53 -5.51 -10.69
CA VAL A 100 -19.96 -6.70 -9.97
C VAL A 100 -19.58 -7.97 -10.74
N GLU A 101 -19.84 -8.00 -12.05
CA GLU A 101 -19.52 -9.21 -12.82
C GLU A 101 -18.01 -9.43 -12.92
N ARG A 102 -17.24 -8.34 -12.99
CA ARG A 102 -15.80 -8.48 -13.00
C ARG A 102 -15.29 -8.99 -11.66
N ALA A 103 -15.90 -8.52 -10.56
CA ALA A 103 -15.58 -9.07 -9.24
C ALA A 103 -15.94 -10.55 -9.16
N ARG A 104 -17.12 -10.91 -9.69
CA ARG A 104 -17.53 -12.32 -9.69
C ARG A 104 -16.49 -13.19 -10.39
N LEU A 105 -15.95 -12.69 -11.51
CA LEU A 105 -14.94 -13.46 -12.22
C LEU A 105 -13.67 -13.62 -11.39
N ALA A 106 -13.23 -12.56 -10.70
CA ALA A 106 -12.07 -12.69 -9.82
C ALA A 106 -12.32 -13.69 -8.71
N VAL A 107 -13.53 -13.66 -8.12
CA VAL A 107 -13.86 -14.63 -7.07
C VAL A 107 -13.77 -16.04 -7.61
N GLN A 108 -14.24 -16.26 -8.83
CA GLN A 108 -14.18 -17.57 -9.45
C GLN A 108 -12.74 -17.99 -9.74
N PHE A 109 -11.88 -17.05 -10.09
CA PHE A 109 -10.46 -17.33 -10.27
C PHE A 109 -9.74 -17.56 -8.95
N GLY A 110 -10.41 -17.34 -7.82
CA GLY A 110 -9.85 -17.66 -6.52
C GLY A 110 -9.48 -16.49 -5.63
N ALA A 111 -9.73 -15.24 -6.05
CA ALA A 111 -9.45 -14.13 -5.16
C ALA A 111 -10.37 -14.18 -3.96
N LYS A 112 -9.82 -13.99 -2.76
CA LYS A 112 -10.66 -14.04 -1.57
C LYS A 112 -10.96 -12.65 -1.01
N THR A 113 -10.36 -11.61 -1.58
CA THR A 113 -10.70 -10.22 -1.30
C THR A 113 -10.80 -9.51 -2.63
N ILE A 114 -11.83 -8.67 -2.75
CA ILE A 114 -11.95 -7.75 -3.86
C ILE A 114 -11.67 -6.37 -3.31
N VAL A 115 -10.80 -5.63 -3.98
CA VAL A 115 -10.46 -4.25 -3.65
C VAL A 115 -11.08 -3.36 -4.73
N LEU A 116 -11.94 -2.45 -4.31
CA LEU A 116 -12.53 -1.45 -5.21
C LEU A 116 -11.80 -0.14 -4.97
N GLN A 117 -11.08 0.34 -5.98
CA GLN A 117 -10.32 1.57 -5.88
C GLN A 117 -10.74 2.52 -7.00
N SER A 118 -10.72 3.82 -6.70
CA SER A 118 -11.09 4.79 -7.73
C SER A 118 -10.47 6.13 -7.40
N GLY A 119 -10.52 7.04 -8.38
CA GLY A 119 -10.43 8.46 -8.06
C GLY A 119 -11.58 8.85 -7.15
N GLU A 120 -11.49 10.05 -6.55
CA GLU A 120 -12.61 10.54 -5.74
C GLU A 120 -13.69 11.01 -6.71
N ASP A 121 -14.56 10.06 -7.09
CA ASP A 121 -15.53 10.29 -8.16
C ASP A 121 -16.92 10.43 -7.55
N PRO A 122 -17.47 11.65 -7.47
CA PRO A 122 -18.76 11.83 -6.77
C PRO A 122 -19.91 11.08 -7.39
N TYR A 123 -19.80 10.61 -8.65
CA TYR A 123 -20.91 9.90 -9.29
C TYR A 123 -21.42 8.76 -8.40
N TYR A 124 -20.51 8.00 -7.78
CA TYR A 124 -20.85 6.76 -7.12
C TYR A 124 -21.27 6.93 -5.66
N MET A 125 -21.14 8.12 -5.10
CA MET A 125 -21.02 8.24 -3.65
C MET A 125 -22.30 8.80 -3.05
N PRO A 126 -22.91 8.16 -2.03
CA PRO A 126 -22.50 6.88 -1.42
C PRO A 126 -23.25 5.67 -1.95
N ASP A 127 -24.39 5.87 -2.61
CA ASP A 127 -25.35 4.78 -2.74
C ASP A 127 -24.97 3.77 -3.82
N VAL A 128 -24.30 4.20 -4.90
CA VAL A 128 -23.92 3.23 -5.91
C VAL A 128 -22.88 2.27 -5.33
N ILE A 129 -21.94 2.81 -4.57
CA ILE A 129 -20.94 1.98 -3.88
C ILE A 129 -21.63 0.98 -2.98
N SER A 130 -22.59 1.45 -2.18
CA SER A 130 -23.26 0.53 -1.26
C SER A 130 -23.88 -0.65 -2.00
N ASP A 131 -24.53 -0.37 -3.14
CA ASP A 131 -25.19 -1.44 -3.89
C ASP A 131 -24.19 -2.44 -4.38
N ILE A 132 -23.07 -1.95 -4.91
CA ILE A 132 -22.01 -2.82 -5.42
C ILE A 132 -21.43 -3.68 -4.30
N VAL A 133 -21.12 -3.07 -3.16
CA VAL A 133 -20.56 -3.82 -2.02
C VAL A 133 -21.50 -4.95 -1.59
N LYS A 134 -22.80 -4.65 -1.49
CA LYS A 134 -23.77 -5.67 -1.08
C LYS A 134 -23.75 -6.85 -2.05
N GLU A 135 -23.66 -6.56 -3.36
CA GLU A 135 -23.63 -7.66 -4.32
C GLU A 135 -22.35 -8.49 -4.20
N ILE A 136 -21.21 -7.83 -3.99
CA ILE A 136 -19.97 -8.59 -3.93
C ILE A 136 -19.92 -9.41 -2.63
N LYS A 137 -20.48 -8.86 -1.54
CA LYS A 137 -20.46 -9.61 -0.29
C LYS A 137 -21.27 -10.91 -0.39
N LYS A 138 -22.29 -10.95 -1.27
CA LYS A 138 -23.02 -12.20 -1.48
C LYS A 138 -22.14 -13.29 -2.08
N MET A 139 -20.97 -12.95 -2.64
CA MET A 139 -20.10 -13.94 -3.28
C MET A 139 -19.20 -14.66 -2.27
N GLY A 140 -19.25 -14.30 -1.00
CA GLY A 140 -18.49 -15.05 0.00
C GLY A 140 -17.05 -14.60 0.19
N VAL A 141 -16.72 -13.35 -0.16
CA VAL A 141 -15.36 -12.82 -0.08
C VAL A 141 -15.35 -11.56 0.78
N ALA A 142 -14.14 -11.13 1.13
CA ALA A 142 -13.98 -9.84 1.78
C ALA A 142 -14.00 -8.73 0.75
N VAL A 143 -14.44 -7.54 1.18
CA VAL A 143 -14.45 -6.34 0.33
C VAL A 143 -13.62 -5.26 1.00
N THR A 144 -12.68 -4.71 0.24
CA THR A 144 -11.89 -3.57 0.66
C THR A 144 -12.21 -2.37 -0.22
N LEU A 145 -12.45 -1.21 0.39
CA LEU A 145 -12.66 0.02 -0.38
C LEU A 145 -11.43 0.91 -0.32
N SER A 146 -11.18 1.64 -1.41
CA SER A 146 -10.04 2.56 -1.44
C SER A 146 -10.52 3.72 -2.33
N LEU A 147 -11.37 4.57 -1.76
CA LEU A 147 -12.08 5.57 -2.54
C LEU A 147 -11.69 6.99 -2.15
N GLY A 148 -10.75 7.15 -1.22
CA GLY A 148 -10.36 8.49 -0.80
C GLY A 148 -11.12 8.99 0.41
N GLU A 149 -11.16 10.32 0.51
CA GLU A 149 -11.67 11.02 1.69
C GLU A 149 -13.13 11.40 1.49
N TRP A 150 -14.01 10.87 2.36
CA TRP A 150 -15.45 11.12 2.27
C TRP A 150 -16.02 11.37 3.67
N PRO A 151 -17.25 11.89 3.77
CA PRO A 151 -17.85 12.10 5.10
C PRO A 151 -18.06 10.81 5.88
N ARG A 152 -18.08 10.98 7.21
CA ARG A 152 -18.35 9.85 8.09
CA ARG A 152 -18.35 9.84 8.10
C ARG A 152 -19.61 9.09 7.67
N GLU A 153 -20.67 9.82 7.31
CA GLU A 153 -21.90 9.21 6.83
C GLU A 153 -21.70 8.20 5.71
N TYR A 154 -20.82 8.50 4.76
CA TYR A 154 -20.59 7.57 3.66
C TYR A 154 -19.88 6.33 4.15
N TYR A 155 -18.84 6.53 4.93
CA TYR A 155 -18.10 5.39 5.47
C TYR A 155 -19.04 4.51 6.29
N GLU A 156 -19.98 5.10 7.01
CA GLU A 156 -20.90 4.33 7.82
CA GLU A 156 -20.90 4.33 7.82
C GLU A 156 -21.83 3.52 6.92
N LYS A 157 -22.36 4.13 5.87
CA LYS A 157 -23.21 3.40 4.93
C LYS A 157 -22.47 2.23 4.29
N TRP A 158 -21.20 2.43 3.96
CA TRP A 158 -20.47 1.37 3.29
C TRP A 158 -20.15 0.24 4.26
N LYS A 159 -19.95 0.57 5.55
CA LYS A 159 -19.76 -0.50 6.53
C LYS A 159 -21.04 -1.32 6.67
N GLU A 160 -22.19 -0.62 6.75
CA GLU A 160 -23.45 -1.33 6.85
C GLU A 160 -23.73 -2.16 5.61
N ALA A 161 -23.26 -1.71 4.45
CA ALA A 161 -23.41 -2.51 3.23
C ALA A 161 -22.54 -3.77 3.26
N GLY A 162 -21.57 -3.81 4.17
CA GLY A 162 -20.76 -5.01 4.34
C GLY A 162 -19.28 -4.89 4.07
N ALA A 163 -18.77 -3.69 3.76
CA ALA A 163 -17.34 -3.53 3.50
C ALA A 163 -16.57 -3.95 4.74
N ASP A 164 -15.46 -4.65 4.52
CA ASP A 164 -14.64 -5.17 5.60
C ASP A 164 -13.45 -4.28 5.92
N ARG A 165 -12.83 -3.69 4.90
CA ARG A 165 -11.56 -2.99 5.09
C ARG A 165 -11.58 -1.72 4.26
N TYR A 166 -10.70 -0.78 4.64
CA TYR A 166 -10.57 0.47 3.89
C TYR A 166 -9.10 0.85 3.83
N LEU A 167 -8.60 1.08 2.62
CA LEU A 167 -7.23 1.49 2.39
C LEU A 167 -7.18 2.97 2.08
N LEU A 168 -6.58 3.73 2.97
CA LEU A 168 -6.45 5.19 2.81
C LEU A 168 -4.99 5.49 3.14
N ARG A 169 -4.11 5.29 2.18
CA ARG A 169 -2.69 5.50 2.43
C ARG A 169 -2.46 6.92 2.93
N HIS A 170 -1.68 7.07 4.01
CA HIS A 170 -1.54 8.42 4.56
C HIS A 170 -0.62 9.32 3.73
N GLU A 171 0.17 8.75 2.81
CA GLU A 171 1.00 9.42 1.81
C GLU A 171 2.28 10.00 2.43
N THR A 172 2.12 10.93 3.36
CA THR A 172 3.23 11.50 4.12
C THR A 172 2.67 12.01 5.44
N ALA A 173 3.37 11.70 6.52
CA ALA A 173 2.98 12.20 7.83
C ALA A 173 3.50 13.59 8.11
N ASN A 174 4.24 14.20 7.20
CA ASN A 174 4.67 15.58 7.39
C ASN A 174 3.54 16.51 7.00
N PRO A 175 2.90 17.25 7.92
CA PRO A 175 1.70 18.01 7.54
C PRO A 175 1.99 19.16 6.60
N VAL A 176 3.19 19.75 6.69
CA VAL A 176 3.53 20.84 5.78
C VAL A 176 3.67 20.28 4.36
N LEU A 177 4.46 19.20 4.22
CA LEU A 177 4.60 18.57 2.90
C LEU A 177 3.25 18.05 2.38
N HIS A 178 2.45 17.45 3.26
CA HIS A 178 1.16 16.87 2.85
C HIS A 178 0.31 17.92 2.17
N ARG A 179 0.22 19.12 2.77
CA ARG A 179 -0.61 20.18 2.21
C ARG A 179 -0.04 20.70 0.90
N LYS A 180 1.29 20.79 0.80
CA LYS A 180 1.90 21.21 -0.46
C LYS A 180 1.60 20.23 -1.58
N LEU A 181 1.63 18.92 -1.28
CA LEU A 181 1.43 17.92 -2.31
C LEU A 181 -0.03 17.58 -2.57
N ARG A 182 -0.92 17.90 -1.62
CA ARG A 182 -2.33 17.51 -1.69
C ARG A 182 -3.11 18.78 -1.36
N PRO A 183 -3.16 19.73 -2.32
CA PRO A 183 -3.58 21.11 -1.99
C PRO A 183 -5.06 21.24 -1.68
N ASP A 184 -5.86 20.20 -1.88
CA ASP A 184 -7.29 20.18 -1.57
C ASP A 184 -7.57 19.84 -0.11
N THR A 185 -6.58 19.36 0.62
CA THR A 185 -6.92 18.72 1.87
C THR A 185 -5.74 18.85 2.83
N SER A 186 -5.60 17.93 3.79
CA SER A 186 -4.57 18.13 4.80
C SER A 186 -4.29 16.80 5.46
N PHE A 187 -3.14 16.71 6.12
CA PHE A 187 -2.85 15.49 6.90
C PHE A 187 -3.88 15.29 7.99
N GLU A 188 -4.29 16.37 8.66
CA GLU A 188 -5.32 16.27 9.69
C GLU A 188 -6.60 15.63 9.14
N ASN A 189 -7.05 16.08 7.96
CA ASN A 189 -8.21 15.47 7.32
C ASN A 189 -8.01 13.99 7.10
N ARG A 190 -6.85 13.62 6.58
CA ARG A 190 -6.54 12.24 6.25
C ARG A 190 -6.54 11.40 7.49
N LEU A 191 -5.88 11.89 8.55
CA LEU A 191 -5.86 11.18 9.82
C LEU A 191 -7.26 11.05 10.40
N ASN A 192 -8.08 12.11 10.31
CA ASN A 192 -9.43 12.01 10.83
CA ASN A 192 -9.43 12.01 10.83
C ASN A 192 -10.23 10.94 10.09
N CYS A 193 -10.05 10.83 8.77
CA CYS A 193 -10.72 9.77 8.04
C CYS A 193 -10.29 8.40 8.55
N LEU A 194 -8.97 8.20 8.73
CA LEU A 194 -8.47 6.93 9.24
C LEU A 194 -9.04 6.62 10.62
N LEU A 195 -9.10 7.62 11.50
CA LEU A 195 -9.64 7.39 12.84
C LEU A 195 -11.12 7.03 12.78
N THR A 196 -11.88 7.69 11.89
CA THR A 196 -13.29 7.38 11.73
C THR A 196 -13.48 5.96 11.20
N LEU A 197 -12.68 5.58 10.19
CA LEU A 197 -12.76 4.22 9.63
C LEU A 197 -12.51 3.16 10.71
N LYS A 198 -11.49 3.37 11.57
CA LYS A 198 -11.21 2.43 12.66
C LYS A 198 -12.36 2.37 13.65
N GLU A 199 -12.92 3.53 14.00
CA GLU A 199 -14.04 3.59 14.95
C GLU A 199 -15.27 2.86 14.42
N LEU A 200 -15.47 2.90 13.10
CA LEU A 200 -16.59 2.20 12.51
C LEU A 200 -16.35 0.69 12.38
N GLY A 201 -15.17 0.19 12.73
CA GLY A 201 -14.89 -1.24 12.71
C GLY A 201 -14.29 -1.76 11.43
N TYR A 202 -13.88 -0.89 10.52
CA TYR A 202 -13.11 -1.36 9.39
C TYR A 202 -11.73 -1.84 9.83
N GLU A 203 -11.21 -2.86 9.14
CA GLU A 203 -9.77 -3.02 9.12
CA GLU A 203 -9.77 -3.05 9.08
C GLU A 203 -9.19 -1.90 8.27
N THR A 204 -8.24 -1.17 8.82
CA THR A 204 -7.80 0.03 8.13
C THR A 204 -6.35 -0.04 7.70
N GLY A 205 -6.11 0.53 6.52
CA GLY A 205 -4.81 0.55 5.91
C GLY A 205 -4.28 1.95 5.72
N ALA A 206 -3.04 2.18 6.13
CA ALA A 206 -2.37 3.45 5.84
C ALA A 206 -1.14 3.14 5.01
N GLY A 207 -0.09 3.98 5.10
CA GLY A 207 1.11 3.75 4.33
C GLY A 207 1.49 4.99 3.53
N SER A 208 2.79 5.12 3.27
CA SER A 208 3.34 6.33 2.64
C SER A 208 3.96 6.01 1.28
N MET A 209 4.28 7.07 0.53
CA MET A 209 5.18 6.97 -0.61
C MET A 209 6.57 7.32 -0.12
N VAL A 210 7.57 6.70 -0.73
CA VAL A 210 8.96 6.91 -0.36
C VAL A 210 9.64 7.64 -1.50
N GLY A 211 10.32 8.75 -1.18
CA GLY A 211 10.99 9.51 -2.20
C GLY A 211 10.21 10.66 -2.77
N LEU A 212 9.17 11.11 -2.07
CA LEU A 212 8.45 12.30 -2.52
C LEU A 212 9.37 13.50 -2.55
N PRO A 213 9.10 14.46 -3.45
CA PRO A 213 9.91 15.69 -3.45
C PRO A 213 9.76 16.42 -2.11
N GLY A 214 10.88 16.85 -1.55
CA GLY A 214 10.88 17.54 -0.27
C GLY A 214 10.87 16.65 0.96
N GLN A 215 10.80 15.33 0.78
CA GLN A 215 10.74 14.41 1.89
C GLN A 215 12.15 14.00 2.29
N THR A 216 12.41 13.97 3.59
CA THR A 216 13.74 13.63 4.09
C THR A 216 13.72 12.31 4.84
N ILE A 217 14.91 11.83 5.25
CA ILE A 217 14.95 10.61 6.05
C ILE A 217 14.18 10.81 7.36
N ASP A 218 14.28 12.00 7.95
CA ASP A 218 13.52 12.25 9.16
C ASP A 218 12.03 12.12 8.92
N ASP A 219 11.57 12.53 7.74
CA ASP A 219 10.16 12.36 7.42
C ASP A 219 9.80 10.88 7.33
N LEU A 220 10.69 10.08 6.73
CA LEU A 220 10.42 8.63 6.64
C LEU A 220 10.35 8.01 8.03
N VAL A 221 11.21 8.45 8.94
CA VAL A 221 11.13 7.99 10.33
C VAL A 221 9.78 8.36 10.94
N ASP A 222 9.31 9.59 10.69
CA ASP A 222 7.99 10.00 11.18
C ASP A 222 6.88 9.12 10.61
N ASP A 223 6.99 8.72 9.34
CA ASP A 223 6.04 7.79 8.74
C ASP A 223 6.02 6.48 9.52
N LEU A 224 7.22 5.91 9.79
CA LEU A 224 7.29 4.65 10.53
C LEU A 224 6.67 4.78 11.91
N LEU A 225 6.99 5.86 12.61
CA LEU A 225 6.46 6.02 13.95
C LEU A 225 4.95 6.27 13.95
N PHE A 226 4.44 6.95 12.92
CA PHE A 226 3.00 7.13 12.78
C PHE A 226 2.31 5.78 12.61
N LEU A 227 2.89 4.94 11.75
CA LEU A 227 2.32 3.61 11.49
C LEU A 227 2.33 2.79 12.77
N LYS A 228 3.43 2.83 13.51
CA LYS A 228 3.53 2.11 14.78
C LYS A 228 2.50 2.63 15.77
N GLU A 229 2.36 3.95 15.84
CA GLU A 229 1.44 4.57 16.81
C GLU A 229 0.03 4.02 16.70
N HIS A 230 -0.44 3.82 15.48
CA HIS A 230 -1.84 3.46 15.24
C HIS A 230 -2.03 1.98 15.01
N ASP A 231 -0.96 1.19 14.99
CA ASP A 231 -1.10 -0.27 14.95
C ASP A 231 -1.99 -0.65 13.76
N PHE A 232 -1.69 -0.07 12.59
CA PHE A 232 -2.58 -0.29 11.44
C PHE A 232 -2.67 -1.75 11.06
N ASP A 233 -3.86 -2.16 10.61
CA ASP A 233 -4.06 -3.54 10.18
C ASP A 233 -3.33 -3.84 8.91
N MET A 234 -3.22 -2.84 8.04
CA MET A 234 -2.57 -3.00 6.74
CA MET A 234 -2.40 -3.08 6.91
C MET A 234 -1.71 -1.78 6.48
N VAL A 235 -0.61 -1.94 5.76
CA VAL A 235 0.27 -0.81 5.42
C VAL A 235 0.73 -0.95 3.98
N GLY A 236 0.35 0.01 3.13
CA GLY A 236 0.76 0.02 1.74
C GLY A 236 1.89 1.02 1.48
N ILE A 237 3.08 0.52 1.13
CA ILE A 237 4.25 1.36 0.91
C ILE A 237 4.79 1.14 -0.49
N GLY A 238 5.19 2.21 -1.15
CA GLY A 238 5.84 2.10 -2.42
C GLY A 238 6.60 3.38 -2.73
N PRO A 239 7.39 3.35 -3.79
CA PRO A 239 8.12 4.54 -4.22
C PRO A 239 7.21 5.53 -4.91
N PHE A 240 7.56 6.79 -4.75
CA PHE A 240 7.01 7.83 -5.62
C PHE A 240 7.54 7.62 -7.03
N ILE A 241 6.63 7.60 -8.00
CA ILE A 241 7.03 7.47 -9.40
C ILE A 241 6.55 8.68 -10.17
N PRO A 242 7.44 9.55 -10.63
CA PRO A 242 7.00 10.80 -11.27
C PRO A 242 6.18 10.54 -12.51
N HIS A 243 5.15 11.35 -12.69
CA HIS A 243 4.25 11.24 -13.84
C HIS A 243 4.43 12.44 -14.76
N PRO A 244 4.63 12.23 -16.07
CA PRO A 244 5.01 13.36 -16.94
C PRO A 244 3.95 14.43 -17.08
N ASP A 245 2.67 14.12 -16.81
CA ASP A 245 1.60 15.10 -16.96
C ASP A 245 1.21 15.69 -15.61
N THR A 246 2.17 15.85 -14.72
CA THR A 246 1.95 16.42 -13.41
C THR A 246 3.04 17.43 -13.10
N PRO A 247 2.83 18.28 -12.09
CA PRO A 247 3.89 19.26 -11.73
C PRO A 247 5.17 18.63 -11.22
N LEU A 248 5.13 17.37 -10.80
CA LEU A 248 6.29 16.69 -10.28
C LEU A 248 7.01 15.84 -11.32
N ALA A 249 6.69 16.07 -12.59
CA ALA A 249 7.24 15.26 -13.69
C ALA A 249 8.76 15.11 -13.64
N ASN A 250 9.49 16.15 -13.24
CA ASN A 250 10.94 16.13 -13.38
C ASN A 250 11.65 15.85 -12.07
N GLU A 251 10.91 15.48 -11.04
CA GLU A 251 11.51 15.20 -9.74
C GLU A 251 12.13 13.81 -9.72
N LYS A 252 12.98 13.57 -8.71
CA LYS A 252 13.62 12.27 -8.56
C LYS A 252 12.57 11.19 -8.29
N LYS A 253 12.80 10.03 -8.89
CA LYS A 253 12.03 8.84 -8.56
C LYS A 253 12.41 8.32 -7.17
N GLY A 254 11.44 7.72 -6.48
CA GLY A 254 11.75 7.09 -5.21
C GLY A 254 12.72 5.93 -5.39
N ASP A 255 13.53 5.70 -4.37
CA ASP A 255 14.58 4.68 -4.45
C ASP A 255 14.05 3.32 -4.03
N PHE A 256 14.31 2.31 -4.86
CA PHE A 256 13.79 0.98 -4.54
C PHE A 256 14.35 0.44 -3.23
N THR A 257 15.67 0.52 -3.05
CA THR A 257 16.26 -0.05 -1.83
C THR A 257 15.72 0.65 -0.58
N LEU A 258 15.67 1.98 -0.61
CA LEU A 258 15.12 2.71 0.54
C LEU A 258 13.69 2.28 0.78
N THR A 259 12.90 2.12 -0.30
CA THR A 259 11.51 1.70 -0.10
C THR A 259 11.44 0.29 0.49
N LEU A 260 12.30 -0.61 0.02
CA LEU A 260 12.37 -1.95 0.59
CA LEU A 260 12.35 -1.95 0.59
C LEU A 260 12.69 -1.90 2.08
N LYS A 261 13.58 -1.00 2.48
CA LYS A 261 13.92 -0.90 3.89
C LYS A 261 12.73 -0.39 4.70
N MET A 262 11.92 0.49 4.10
CA MET A 262 10.69 0.92 4.77
C MET A 262 9.70 -0.24 4.96
N VAL A 263 9.54 -1.11 3.95
CA VAL A 263 8.71 -2.30 4.09
C VAL A 263 9.25 -3.18 5.21
N ALA A 264 10.56 -3.42 5.21
CA ALA A 264 11.19 -4.27 6.21
C ALA A 264 10.99 -3.70 7.60
N LEU A 265 11.25 -2.39 7.77
CA LEU A 265 11.07 -1.81 9.10
C LEU A 265 9.60 -1.81 9.54
N THR A 266 8.67 -1.65 8.59
CA THR A 266 7.25 -1.73 8.92
C THR A 266 6.90 -3.12 9.45
N ARG A 267 7.38 -4.18 8.79
CA ARG A 267 7.16 -5.53 9.31
C ARG A 267 7.75 -5.70 10.70
N ILE A 268 8.97 -5.21 10.90
CA ILE A 268 9.58 -5.33 12.22
C ILE A 268 8.75 -4.59 13.27
N LEU A 269 8.28 -3.38 12.95
CA LEU A 269 7.51 -2.61 13.92
C LEU A 269 6.11 -3.18 14.16
N LEU A 270 5.49 -3.80 13.14
CA LEU A 270 4.08 -4.25 13.18
C LEU A 270 4.09 -5.71 12.72
N PRO A 271 4.49 -6.63 13.60
CA PRO A 271 4.81 -8.00 13.13
C PRO A 271 3.65 -8.77 12.54
N ASP A 272 2.41 -8.52 12.96
CA ASP A 272 1.33 -9.30 12.38
C ASP A 272 0.45 -8.48 11.43
N SER A 273 0.94 -7.33 10.96
CA SER A 273 0.17 -6.55 9.99
C SER A 273 0.20 -7.18 8.60
N ASN A 274 -0.75 -6.79 7.78
CA ASN A 274 -0.75 -7.18 6.38
C ASN A 274 -0.06 -6.13 5.54
N ILE A 275 0.98 -6.51 4.83
CA ILE A 275 1.83 -5.57 4.10
C ILE A 275 1.95 -6.02 2.66
N PRO A 276 1.34 -5.34 1.69
CA PRO A 276 1.49 -5.75 0.29
C PRO A 276 2.86 -5.45 -0.27
N ALA A 277 3.24 -6.26 -1.25
CA ALA A 277 4.29 -5.95 -2.21
C ALA A 277 3.56 -5.19 -3.30
N THR A 278 3.68 -3.86 -3.28
CA THR A 278 2.77 -3.03 -4.07
C THR A 278 3.09 -3.00 -5.57
N THR A 279 2.08 -2.58 -6.35
CA THR A 279 2.24 -2.44 -7.79
C THR A 279 3.44 -1.57 -8.11
N ALA A 280 3.62 -0.49 -7.35
CA ALA A 280 4.72 0.41 -7.67
C ALA A 280 6.09 -0.27 -7.47
N MET A 281 6.21 -1.20 -6.52
CA MET A 281 7.46 -1.94 -6.38
C MET A 281 7.75 -2.83 -7.59
N GLY A 282 6.69 -3.40 -8.18
CA GLY A 282 6.85 -4.18 -9.40
C GLY A 282 7.08 -3.32 -10.63
N THR A 283 6.68 -2.05 -10.58
CA THR A 283 6.92 -1.17 -11.70
C THR A 283 8.37 -0.71 -11.76
N ILE A 284 8.93 -0.38 -10.58
CA ILE A 284 10.23 0.28 -10.53
C ILE A 284 11.38 -0.66 -10.82
N VAL A 285 11.27 -1.94 -10.45
CA VAL A 285 12.34 -2.92 -10.63
C VAL A 285 11.71 -4.18 -11.19
N PRO A 286 12.28 -4.80 -12.21
CA PRO A 286 11.74 -6.10 -12.66
C PRO A 286 11.87 -7.14 -11.57
N GLY A 287 10.75 -7.79 -11.24
CA GLY A 287 10.76 -8.69 -10.09
C GLY A 287 10.63 -7.99 -8.76
N GLY A 288 10.26 -6.71 -8.78
CA GLY A 288 10.23 -5.96 -7.55
C GLY A 288 9.27 -6.51 -6.49
N ARG A 289 8.10 -7.01 -6.91
CA ARG A 289 7.17 -7.52 -5.90
CA ARG A 289 7.17 -7.53 -5.92
C ARG A 289 7.70 -8.82 -5.29
N GLU A 290 8.30 -9.69 -6.11
CA GLU A 290 8.92 -10.90 -5.61
C GLU A 290 10.00 -10.60 -4.58
N ILE A 291 10.84 -9.60 -4.85
CA ILE A 291 11.86 -9.21 -3.89
C ILE A 291 11.19 -8.73 -2.61
N THR A 292 10.14 -7.90 -2.73
CA THR A 292 9.50 -7.32 -1.55
C THR A 292 8.87 -8.41 -0.68
N LEU A 293 8.33 -9.46 -1.29
CA LEU A 293 7.76 -10.57 -0.54
C LEU A 293 8.81 -11.37 0.25
N ARG A 294 10.09 -11.21 -0.04
CA ARG A 294 11.19 -11.82 0.72
C ARG A 294 11.75 -10.86 1.78
N CYS A 295 11.18 -9.65 1.90
CA CYS A 295 11.69 -8.61 2.79
C CYS A 295 10.61 -8.12 3.76
N GLY A 296 9.57 -8.93 3.96
CA GLY A 296 8.57 -8.65 4.98
C GLY A 296 7.15 -8.56 4.48
N ALA A 297 6.94 -8.45 3.18
CA ALA A 297 5.57 -8.36 2.68
C ALA A 297 4.92 -9.75 2.65
N ASN A 298 3.57 -9.75 2.69
CA ASN A 298 2.83 -11.01 2.76
C ASN A 298 1.54 -10.93 1.95
N VAL A 299 1.37 -9.91 1.11
CA VAL A 299 0.14 -9.71 0.35
C VAL A 299 0.51 -9.29 -1.08
N ILE A 300 -0.30 -9.70 -2.07
CA ILE A 300 -0.11 -9.21 -3.42
C ILE A 300 -1.49 -8.85 -3.96
N MET A 301 -1.52 -7.81 -4.79
CA MET A 301 -2.78 -7.25 -5.26
CA MET A 301 -2.77 -7.27 -5.29
C MET A 301 -2.75 -7.26 -6.81
N PRO A 302 -3.11 -8.37 -7.45
CA PRO A 302 -3.17 -8.38 -8.92
C PRO A 302 -4.17 -7.38 -9.46
N ASN A 303 -3.78 -6.72 -10.55
N ASN A 303 -3.78 -6.72 -10.54
CA ASN A 303 -4.64 -5.73 -11.19
CA ASN A 303 -4.64 -5.74 -11.19
C ASN A 303 -5.71 -6.44 -11.99
C ASN A 303 -5.71 -6.49 -11.96
N TRP A 304 -6.97 -6.26 -11.59
CA TRP A 304 -8.08 -6.95 -12.23
C TRP A 304 -8.97 -5.96 -12.98
N THR A 305 -8.50 -4.76 -13.24
CA THR A 305 -9.27 -3.81 -14.03
C THR A 305 -9.34 -4.28 -15.48
N PRO A 306 -10.51 -4.32 -16.10
CA PRO A 306 -10.60 -4.86 -17.47
C PRO A 306 -10.21 -3.84 -18.52
N SER A 307 -9.77 -4.39 -19.66
CA SER A 307 -9.71 -3.59 -20.88
C SER A 307 -11.12 -3.09 -21.20
N PRO A 308 -11.25 -1.87 -21.76
CA PRO A 308 -10.23 -0.92 -22.20
C PRO A 308 -9.86 0.13 -21.13
N TYR A 309 -10.27 -0.09 -19.89
CA TYR A 309 -10.08 0.89 -18.82
C TYR A 309 -8.73 0.79 -18.15
N ARG A 310 -8.16 -0.42 -18.08
CA ARG A 310 -6.97 -0.66 -17.27
C ARG A 310 -5.85 0.29 -17.68
N GLN A 311 -5.66 0.48 -18.99
CA GLN A 311 -4.56 1.34 -19.44
C GLN A 311 -4.79 2.81 -19.08
N LEU A 312 -6.02 3.18 -18.72
CA LEU A 312 -6.33 4.57 -18.40
C LEU A 312 -6.19 4.91 -16.93
N TYR A 313 -5.96 3.94 -16.04
CA TYR A 313 -5.82 4.25 -14.61
C TYR A 313 -4.35 4.55 -14.31
N GLN A 314 -3.90 5.68 -14.88
CA GLN A 314 -2.46 6.00 -15.00
C GLN A 314 -2.01 6.85 -13.82
N LEU A 315 -1.99 6.21 -12.63
CA LEU A 315 -1.48 6.91 -11.45
C LEU A 315 -0.07 7.40 -11.67
N TYR A 316 0.74 6.57 -12.32
CA TYR A 316 2.15 6.79 -12.63
C TYR A 316 2.50 5.96 -13.87
N PRO A 317 3.53 6.37 -14.60
CA PRO A 317 3.95 5.65 -15.81
C PRO A 317 4.45 4.25 -15.51
N GLY A 318 4.23 3.34 -16.47
CA GLY A 318 4.69 1.95 -16.36
C GLY A 318 3.82 1.06 -15.51
N LYS A 319 2.73 1.59 -14.96
CA LYS A 319 1.91 0.83 -14.01
C LYS A 319 1.26 -0.39 -14.65
N ILE A 320 0.83 -0.26 -15.89
CA ILE A 320 -0.01 -1.23 -16.58
C ILE A 320 0.85 -1.86 -17.66
N SER A 321 0.77 -3.18 -17.78
CA SER A 321 1.29 -3.81 -18.98
C SER A 321 0.12 -4.10 -19.88
N VAL A 322 0.28 -3.83 -21.16
CA VAL A 322 -0.79 -4.14 -22.11
C VAL A 322 -0.39 -5.28 -23.00
N PHE A 323 0.68 -5.97 -22.64
CA PHE A 323 1.19 -7.04 -23.45
C PHE A 323 0.37 -8.33 -23.29
N GLU A 324 -0.41 -8.47 -22.19
CA GLU A 324 -1.20 -9.68 -21.93
C GLU A 324 -2.70 -9.40 -21.68
N LYS A 325 -3.50 -10.44 -21.84
CA LYS A 325 -4.94 -10.38 -21.59
C LYS A 325 -5.26 -9.91 -20.17
N ASP A 326 -6.43 -9.25 -20.02
CA ASP A 326 -6.75 -8.67 -18.71
C ASP A 326 -7.18 -9.70 -17.67
N THR A 327 -7.20 -11.00 -18.00
CA THR A 327 -7.44 -12.02 -16.99
C THR A 327 -6.17 -12.73 -16.55
N ALA A 328 -5.00 -12.26 -16.98
CA ALA A 328 -3.78 -13.01 -16.69
C ALA A 328 -3.27 -12.77 -15.29
N SER A 329 -3.65 -11.67 -14.64
CA SER A 329 -2.91 -11.29 -13.44
C SER A 329 -3.15 -12.26 -12.29
N ILE A 330 -4.37 -12.77 -12.10
CA ILE A 330 -4.55 -13.66 -10.94
C ILE A 330 -3.76 -14.96 -11.14
N PRO A 331 -3.89 -15.67 -12.26
CA PRO A 331 -3.01 -16.84 -12.44
C PRO A 331 -1.53 -16.48 -12.37
N SER A 332 -1.17 -15.28 -12.82
CA SER A 332 0.25 -14.95 -12.79
C SER A 332 0.76 -14.81 -11.37
N VAL A 333 0.00 -14.16 -10.47
CA VAL A 333 0.51 -14.05 -9.09
C VAL A 333 0.41 -15.39 -8.37
N MET A 334 -0.56 -16.24 -8.72
CA MET A 334 -0.54 -17.58 -8.16
CA MET A 334 -0.56 -17.61 -8.21
C MET A 334 0.74 -18.32 -8.53
N LYS A 335 1.18 -18.22 -9.79
CA LYS A 335 2.44 -18.83 -10.22
C LYS A 335 3.61 -18.25 -9.46
N MET A 336 3.62 -16.91 -9.29
CA MET A 336 4.69 -16.24 -8.55
CA MET A 336 4.72 -16.29 -8.58
C MET A 336 4.80 -16.77 -7.13
N ILE A 337 3.64 -16.89 -6.46
CA ILE A 337 3.60 -17.36 -5.08
C ILE A 337 4.15 -18.77 -4.99
N GLU A 338 3.74 -19.65 -5.92
CA GLU A 338 4.27 -21.03 -5.94
CA GLU A 338 4.27 -21.03 -5.95
C GLU A 338 5.79 -21.02 -6.09
N LEU A 339 6.31 -20.22 -7.02
CA LEU A 339 7.75 -20.20 -7.27
C LEU A 339 8.54 -19.72 -6.07
N LEU A 340 7.96 -18.83 -5.27
CA LEU A 340 8.60 -18.35 -4.04
C LEU A 340 8.59 -19.39 -2.95
N GLY A 341 7.92 -20.51 -3.14
CA GLY A 341 7.76 -21.47 -2.08
C GLY A 341 6.73 -21.07 -1.06
N ARG A 342 5.82 -20.14 -1.40
CA ARG A 342 4.76 -19.68 -0.52
C ARG A 342 3.42 -20.35 -0.91
N LYS A 343 2.35 -20.01 -0.22
CA LYS A 343 1.02 -20.54 -0.49
C LYS A 343 0.03 -19.40 -0.66
N PRO A 344 -1.03 -19.56 -1.45
CA PRO A 344 -2.09 -18.54 -1.43
C PRO A 344 -2.86 -18.64 -0.12
N GLY A 345 -3.48 -17.52 0.24
CA GLY A 345 -4.26 -17.49 1.46
C GLY A 345 -5.41 -18.47 1.41
N ARG A 346 -5.71 -19.05 2.57
CA ARG A 346 -6.78 -20.04 2.68
C ARG A 346 -8.11 -19.45 3.10
N ASP A 347 -8.09 -18.27 3.71
CA ASP A 347 -9.31 -17.62 4.16
C ASP A 347 -9.21 -16.20 3.63
N TRP A 348 -9.95 -15.27 4.25
CA TRP A 348 -9.93 -13.89 3.73
C TRP A 348 -8.65 -13.15 4.08
N GLY A 349 -7.80 -13.72 4.93
CA GLY A 349 -6.57 -13.05 5.26
C GLY A 349 -6.74 -11.77 6.05
N GLY A 350 -7.74 -11.70 6.93
CA GLY A 350 -7.87 -10.54 7.80
C GLY A 350 -6.72 -10.49 8.79
N ARG A 351 -6.38 -9.28 9.24
CA ARG A 351 -5.28 -9.13 10.19
C ARG A 351 -5.62 -9.84 11.48
N LYS A 352 -4.65 -10.58 12.00
CA LYS A 352 -4.84 -11.27 13.27
C LYS A 352 -3.92 -10.66 14.31
N ARG A 353 -4.19 -10.95 15.56
CA ARG A 353 -3.38 -10.44 16.66
C ARG A 353 -2.69 -11.62 17.33
N VAL A 354 -1.50 -11.95 16.84
CA VAL A 354 -0.72 -13.06 17.37
C VAL A 354 0.62 -12.62 17.95
N PHE A 355 1.01 -11.37 17.75
CA PHE A 355 2.25 -10.88 18.32
C PHE A 355 1.94 -10.26 19.70
N GLU A 356 2.67 -10.67 20.72
CA GLU A 356 2.46 -10.18 22.09
#